data_1VKX
#
_entry.id   1VKX
#
_cell.length_a   106.610
_cell.length_b   106.610
_cell.length_c   206.560
_cell.angle_alpha   90.00
_cell.angle_beta   90.00
_cell.angle_gamma   90.00
#
_symmetry.space_group_name_H-M   'P 43 21 2'
#
loop_
_entity.id
_entity.type
_entity.pdbx_description
1 polymer "DNA (5'-D(*TP*GP*GP*GP*GP*AP*CP*TP*TP*TP*CP*C)-3')"
2 polymer "DNA (5'-D(*AP*GP*GP*AP*AP*AP*GP*TP*CP*CP*CP*C)-3')"
3 polymer 'PROTEIN (NF-KAPPA B P65 SUBUNIT)'
4 polymer 'PROTEIN (NF-KAPPA B P50 SUBUNIT)'
#
loop_
_entity_poly.entity_id
_entity_poly.type
_entity_poly.pdbx_seq_one_letter_code
_entity_poly.pdbx_strand_id
1 'polydeoxyribonucleotide' (DT)(DG)(DG)(DG)(DG)(DA)(DC)(DT)(DT)(DT)(DC)(DC) C
2 'polydeoxyribonucleotide' (DA)(DG)(DG)(DA)(DA)(DA)(DG)(DT)(DC)(DC)(DC)(DC) D
3 'polypeptide(L)'
;AYVEIIEQPKQRGMRFRYKCEGRSAGSIPGERSTDTTKTHPTIKINGYTGPGTVRISLVTKDPPHRPHPHELVGKDCRDG
YYEADLCPDRSIHSFQNLGIQCVKKRDLEQAISQRIQTNNNPFHVPIEEQRGDYDLNAVRLCFQVTVRDPAGRPLLLTPV
LSHPIFDNRAPNTAELKICRVNRNSGSCLGGDEIFLLCDKVQKEDIEVYFTGPGWEARGSFSQADVHRQVAIVFRTPPYA
DPSLQAPVRVSMQLRRPSDRELSEPMEFQYLPD
;
A
4 'polypeptide(L)'
;GPYLQILEQPKQRGFRFRYVCEGPSHGGLPGASSEKNKKSYPQVKICNYVGPAKVIVQLVTNGKNIHLHAHSLVGKHCED
GVCTVTAGPKDMVVGFANLGILHVTKKKVFETLEARMTEACIRGYNPGLLVHSDLAYLQAEGGGDRQLTDREKEIIRQAA
VQQTKEMDLSVVRLMFTAFLPDSTGSFTRRLEPVVSDAIYDSKAPNASNLKIVRMDRTAGCVTGGEEIYLLCDKVQKDDI
QIRFYEEEENGGVWEGFGDFSPTDVHRQFAIVFKTPKYKDVNITKPASVFVQLRRKSDLETSEPKPFLYYPE
;
B
#
# COMPACT_ATOMS: atom_id res chain seq x y z
N ALA C 1 19.60 -46.61 8.81
CA ALA C 1 19.94 -45.17 8.96
C ALA C 1 18.79 -44.38 8.32
N TYR C 2 18.02 -43.68 9.12
CA TYR C 2 16.92 -42.93 8.53
C TYR C 2 16.63 -41.62 9.25
N VAL C 3 16.40 -40.59 8.45
CA VAL C 3 16.12 -39.22 8.93
C VAL C 3 14.69 -39.07 9.38
N GLU C 4 14.44 -38.20 10.35
CA GLU C 4 13.09 -38.02 10.83
C GLU C 4 13.05 -36.65 11.46
N ILE C 5 12.00 -35.89 11.21
CA ILE C 5 11.87 -34.54 11.76
C ILE C 5 11.21 -34.56 13.14
N ILE C 6 11.98 -34.32 14.19
CA ILE C 6 11.40 -34.33 15.52
C ILE C 6 10.82 -32.96 15.92
N GLU C 7 10.83 -31.99 14.99
CA GLU C 7 10.26 -30.63 15.18
C GLU C 7 10.16 -29.90 13.84
N GLN C 8 8.93 -29.74 13.39
CA GLN C 8 8.66 -29.11 12.12
C GLN C 8 8.80 -27.59 12.20
N PRO C 9 8.94 -26.92 11.03
CA PRO C 9 9.06 -25.46 11.00
C PRO C 9 7.66 -24.85 11.21
N LYS C 10 7.55 -23.80 12.01
CA LYS C 10 6.26 -23.17 12.29
C LYS C 10 5.61 -22.74 11.01
N GLN C 11 4.75 -23.63 10.50
CA GLN C 11 4.00 -23.45 9.26
C GLN C 11 3.50 -22.01 9.01
N ARG C 12 2.25 -21.72 9.34
CA ARG C 12 1.70 -20.39 9.13
C ARG C 12 2.21 -19.34 10.10
N GLY C 13 2.51 -18.16 9.59
CA GLY C 13 2.96 -17.08 10.44
C GLY C 13 4.27 -16.38 10.12
N MET C 14 5.17 -17.03 9.40
CA MET C 14 6.43 -16.38 9.09
C MET C 14 6.21 -15.73 7.75
N ARG C 15 6.74 -14.52 7.54
CA ARG C 15 6.59 -13.88 6.24
C ARG C 15 7.90 -13.93 5.48
N PHE C 16 7.97 -14.71 4.41
CA PHE C 16 9.20 -14.80 3.64
C PHE C 16 9.65 -13.38 3.33
N ARG C 17 10.95 -13.13 3.39
CA ARG C 17 11.51 -11.81 3.15
C ARG C 17 12.28 -11.73 1.84
N TYR C 18 12.12 -10.63 1.12
CA TYR C 18 12.88 -10.45 -0.10
C TYR C 18 14.30 -10.16 0.35
N LYS C 19 15.26 -10.46 -0.50
CA LYS C 19 16.67 -10.24 -0.22
C LYS C 19 16.95 -8.78 0.03
N CYS C 20 16.03 -7.92 -0.38
CA CYS C 20 16.21 -6.49 -0.22
C CYS C 20 15.88 -5.90 1.13
N GLU C 21 15.65 -6.72 2.15
CA GLU C 21 15.30 -6.14 3.44
C GLU C 21 16.37 -6.38 4.51
N GLY C 22 17.22 -5.36 4.69
CA GLY C 22 18.31 -5.35 5.66
C GLY C 22 19.12 -6.61 5.93
N ARG C 23 18.88 -7.65 5.14
CA ARG C 23 19.53 -8.94 5.27
C ARG C 23 19.28 -9.56 6.65
N SER C 24 18.93 -10.84 6.63
CA SER C 24 18.66 -11.61 7.84
C SER C 24 17.34 -11.23 8.57
N ALA C 25 17.45 -10.75 9.80
CA ALA C 25 16.30 -10.34 10.60
C ALA C 25 15.40 -11.52 11.01
N GLY C 26 16.00 -12.56 11.60
CA GLY C 26 15.25 -13.72 12.05
C GLY C 26 15.65 -15.07 11.46
N SER C 27 14.89 -16.12 11.82
CA SER C 27 15.09 -17.49 11.32
C SER C 27 13.79 -18.31 11.44
N ILE C 28 13.73 -19.43 10.72
CA ILE C 28 12.56 -20.29 10.77
C ILE C 28 12.54 -20.93 12.12
N PRO C 29 11.39 -20.89 12.80
CA PRO C 29 11.23 -21.50 14.12
C PRO C 29 10.40 -22.75 13.90
N GLY C 30 10.37 -23.64 14.89
CA GLY C 30 9.63 -24.89 14.78
C GLY C 30 8.19 -24.87 15.24
N GLU C 31 7.35 -25.77 14.70
CA GLU C 31 5.93 -25.84 15.02
C GLU C 31 5.75 -25.34 16.42
N ARG C 32 6.28 -26.07 17.39
CA ARG C 32 6.18 -25.65 18.78
C ARG C 32 7.27 -24.62 19.10
N SER C 33 6.84 -23.43 19.49
CA SER C 33 7.74 -22.34 19.84
C SER C 33 6.96 -21.23 20.51
N THR C 34 7.71 -20.42 21.26
CA THR C 34 7.21 -19.26 22.00
C THR C 34 8.46 -18.57 22.61
N ASP C 35 8.42 -17.25 22.77
CA ASP C 35 9.56 -16.49 23.28
C ASP C 35 10.22 -16.93 24.59
N THR C 36 9.47 -17.57 25.48
CA THR C 36 10.01 -18.02 26.76
C THR C 36 10.99 -19.19 26.55
N THR C 37 10.55 -20.13 25.73
CA THR C 37 11.32 -21.33 25.38
C THR C 37 11.25 -21.49 23.87
N LYS C 38 12.12 -20.80 23.15
CA LYS C 38 12.16 -20.82 21.69
C LYS C 38 12.58 -22.13 21.07
N THR C 39 12.34 -22.24 19.76
CA THR C 39 12.65 -23.45 18.99
C THR C 39 13.07 -23.20 17.51
N HIS C 40 13.69 -24.21 16.90
CA HIS C 40 14.11 -24.15 15.49
C HIS C 40 14.02 -25.60 14.97
N PRO C 41 13.72 -25.79 13.66
CA PRO C 41 13.59 -27.11 13.02
C PRO C 41 14.72 -28.08 13.37
N THR C 42 14.34 -29.35 13.62
CA THR C 42 15.28 -30.42 14.00
C THR C 42 14.98 -31.84 13.44
N ILE C 43 16.04 -32.59 13.13
CA ILE C 43 15.93 -33.96 12.60
C ILE C 43 16.71 -34.95 13.47
N LYS C 44 16.19 -36.16 13.71
CA LYS C 44 16.99 -37.12 14.48
C LYS C 44 17.45 -38.25 13.60
N ILE C 45 18.70 -38.20 13.13
CA ILE C 45 19.21 -39.28 12.26
C ILE C 45 19.00 -40.52 13.12
N ASN C 46 18.40 -41.57 12.59
CA ASN C 46 18.19 -42.80 13.39
C ASN C 46 18.99 -43.98 12.83
N GLY C 47 19.60 -44.78 13.71
CA GLY C 47 20.36 -45.92 13.22
C GLY C 47 21.77 -45.59 12.73
N TYR C 48 22.32 -44.49 13.25
CA TYR C 48 23.65 -44.05 12.92
C TYR C 48 23.98 -42.82 13.75
N THR C 49 25.27 -42.67 14.02
CA THR C 49 25.86 -41.54 14.76
C THR C 49 27.25 -41.36 14.17
N GLY C 50 27.67 -40.11 14.03
CA GLY C 50 28.99 -39.87 13.47
C GLY C 50 29.01 -38.80 12.39
N PRO C 51 30.11 -38.74 11.63
CA PRO C 51 30.42 -37.82 10.55
C PRO C 51 29.58 -37.94 9.26
N GLY C 52 29.27 -36.79 8.67
CA GLY C 52 28.48 -36.72 7.44
C GLY C 52 28.05 -35.30 7.07
N THR C 53 27.13 -35.15 6.13
CA THR C 53 26.64 -33.82 5.73
C THR C 53 25.14 -33.79 5.90
N VAL C 54 24.59 -32.68 6.37
CA VAL C 54 23.15 -32.57 6.56
C VAL C 54 22.55 -31.52 5.64
N ARG C 55 22.41 -31.86 4.36
CA ARG C 55 21.88 -30.94 3.34
C ARG C 55 20.38 -30.74 3.35
N ILE C 56 19.96 -29.48 3.17
CA ILE C 56 18.57 -29.03 3.16
C ILE C 56 18.32 -28.16 1.91
N SER C 57 17.08 -28.05 1.49
CA SER C 57 16.75 -27.24 0.31
C SER C 57 15.25 -27.03 0.32
N LEU C 58 14.77 -26.03 -0.41
CA LEU C 58 13.33 -25.81 -0.47
C LEU C 58 12.77 -26.60 -1.65
N VAL C 59 11.56 -27.16 -1.52
CA VAL C 59 10.91 -27.90 -2.60
C VAL C 59 9.45 -27.52 -2.73
N THR C 60 8.88 -27.76 -3.91
CA THR C 60 7.48 -27.48 -4.22
C THR C 60 6.56 -27.96 -3.09
N LYS C 61 5.47 -27.25 -2.81
CA LYS C 61 4.61 -27.73 -1.75
C LYS C 61 3.74 -28.91 -2.18
N ASP C 62 3.67 -29.21 -3.49
CA ASP C 62 2.81 -30.29 -3.99
C ASP C 62 3.38 -31.27 -5.04
N PRO C 63 2.82 -32.50 -5.12
CA PRO C 63 3.25 -33.56 -6.02
C PRO C 63 4.54 -33.44 -6.76
N PRO C 64 4.59 -32.66 -7.85
CA PRO C 64 5.96 -32.73 -8.33
C PRO C 64 6.74 -31.79 -7.41
N HIS C 65 7.52 -32.38 -6.50
CA HIS C 65 8.36 -31.61 -5.59
C HIS C 65 9.58 -31.13 -6.39
N ARG C 66 9.37 -30.04 -7.13
CA ARG C 66 10.38 -29.40 -7.96
C ARG C 66 11.15 -28.46 -7.08
N PRO C 67 12.41 -28.19 -7.44
CA PRO C 67 13.14 -27.27 -6.60
C PRO C 67 12.38 -25.98 -6.83
N HIS C 68 11.93 -25.39 -5.72
CA HIS C 68 11.16 -24.15 -5.65
C HIS C 68 12.07 -22.95 -5.84
N PRO C 69 11.58 -21.91 -6.49
CA PRO C 69 12.43 -20.76 -6.68
C PRO C 69 12.94 -19.96 -5.49
N HIS C 70 12.34 -20.01 -4.31
CA HIS C 70 12.92 -19.22 -3.20
C HIS C 70 14.31 -19.73 -2.80
N GLU C 71 14.96 -19.05 -1.87
CA GLU C 71 16.28 -19.49 -1.45
C GLU C 71 16.40 -19.48 0.02
N LEU C 72 17.03 -20.52 0.58
CA LEU C 72 17.29 -20.57 2.03
C LEU C 72 18.59 -19.79 2.23
N VAL C 73 18.65 -19.08 3.34
CA VAL C 73 19.82 -18.29 3.61
C VAL C 73 20.10 -18.31 5.10
N GLY C 74 21.37 -18.32 5.45
CA GLY C 74 21.75 -18.30 6.84
C GLY C 74 23.19 -18.70 6.93
N LYS C 75 23.53 -19.42 8.00
CA LYS C 75 24.88 -19.90 8.16
C LYS C 75 24.96 -21.18 7.34
N ASP C 76 26.06 -21.33 6.62
CA ASP C 76 26.31 -22.50 5.78
C ASP C 76 25.32 -22.70 4.63
N CYS C 77 24.70 -21.60 4.19
CA CYS C 77 23.76 -21.60 3.06
C CYS C 77 24.49 -21.06 1.81
N ARG C 78 24.19 -21.63 0.65
CA ARG C 78 24.84 -21.26 -0.62
C ARG C 78 24.00 -21.69 -1.81
N ASP C 79 23.91 -20.86 -2.85
CA ASP C 79 23.14 -21.20 -4.05
C ASP C 79 21.71 -21.62 -3.74
N GLY C 80 21.22 -21.22 -2.58
CA GLY C 80 19.84 -21.54 -2.22
C GLY C 80 19.57 -22.64 -1.23
N TYR C 81 20.53 -23.54 -1.03
CA TYR C 81 20.43 -24.68 -0.09
C TYR C 81 21.41 -24.59 1.11
N TYR C 82 20.92 -24.94 2.30
CA TYR C 82 21.78 -24.95 3.49
C TYR C 82 22.62 -26.22 3.43
N GLU C 83 23.94 -26.11 3.40
CA GLU C 83 24.73 -27.34 3.37
C GLU C 83 25.95 -27.32 4.28
N ALA C 84 25.92 -28.18 5.29
CA ALA C 84 27.03 -28.21 6.23
C ALA C 84 27.30 -29.55 6.92
N ASP C 85 28.45 -29.63 7.56
CA ASP C 85 28.84 -30.81 8.30
C ASP C 85 28.05 -30.85 9.60
N LEU C 86 27.42 -32.00 9.89
CA LEU C 86 26.67 -32.13 11.14
C LEU C 86 27.53 -32.70 12.24
N CYS C 87 27.34 -32.17 13.46
CA CYS C 87 28.07 -32.55 14.66
C CYS C 87 27.91 -34.02 14.96
N PRO C 88 29.01 -34.79 14.86
CA PRO C 88 29.16 -36.25 15.06
C PRO C 88 28.85 -36.90 16.40
N ASP C 89 28.89 -36.15 17.50
CA ASP C 89 28.61 -36.69 18.84
C ASP C 89 27.17 -36.53 19.33
N ARG C 90 26.22 -36.61 18.39
CA ARG C 90 24.79 -36.49 18.63
C ARG C 90 23.99 -36.89 17.38
N SER C 91 22.77 -37.37 17.60
CA SER C 91 21.90 -37.83 16.51
C SER C 91 20.64 -36.95 16.22
N ILE C 92 20.43 -35.94 17.08
CA ILE C 92 19.33 -34.96 17.03
C ILE C 92 19.96 -33.58 16.88
N HIS C 93 19.86 -32.97 15.69
CA HIS C 93 20.45 -31.65 15.48
C HIS C 93 19.54 -30.66 14.79
N SER C 94 19.49 -29.47 15.36
CA SER C 94 18.65 -28.39 14.87
C SER C 94 19.40 -27.31 14.08
N PHE C 95 18.63 -26.52 13.33
CA PHE C 95 19.18 -25.43 12.55
C PHE C 95 18.48 -24.13 12.94
N GLN C 96 19.17 -23.32 13.73
CA GLN C 96 18.61 -22.06 14.12
C GLN C 96 19.03 -20.97 13.13
N ASN C 97 19.57 -21.35 11.98
CA ASN C 97 19.91 -20.36 10.96
C ASN C 97 19.52 -20.80 9.56
N LEU C 98 18.22 -20.64 9.36
CA LEU C 98 17.46 -20.96 8.17
C LEU C 98 16.57 -19.77 7.82
N GLY C 99 16.89 -19.11 6.71
CA GLY C 99 16.10 -17.98 6.27
C GLY C 99 15.47 -18.31 4.93
N ILE C 100 14.32 -17.72 4.64
CA ILE C 100 13.64 -17.97 3.38
C ILE C 100 13.55 -16.72 2.49
N GLN C 101 14.40 -16.69 1.61
CA GLN C 101 14.49 -15.52 0.76
C GLN C 101 13.68 -15.76 -0.51
N CYS C 102 12.94 -14.77 -0.71
CA CYS C 102 11.96 -14.98 -1.77
C CYS C 102 12.41 -14.23 -2.99
N VAL C 103 11.95 -14.64 -4.15
CA VAL C 103 12.36 -13.91 -5.34
C VAL C 103 11.20 -13.11 -5.90
N LYS C 104 11.54 -11.96 -6.45
CA LYS C 104 10.58 -11.07 -7.10
C LYS C 104 10.14 -11.92 -8.29
N LYS C 105 8.83 -11.98 -8.52
CA LYS C 105 8.28 -12.80 -9.60
C LYS C 105 9.03 -12.70 -10.94
N ARG C 106 9.64 -11.55 -11.23
CA ARG C 106 10.35 -11.36 -12.48
C ARG C 106 11.68 -12.09 -12.63
N ASP C 107 12.42 -12.31 -11.54
CA ASP C 107 13.69 -13.05 -11.61
C ASP C 107 13.41 -14.54 -11.35
N LEU C 108 12.15 -14.90 -11.48
CA LEU C 108 11.67 -16.24 -11.27
C LEU C 108 12.25 -17.25 -12.24
N GLU C 109 12.78 -16.83 -13.38
CA GLU C 109 13.32 -17.83 -14.28
C GLU C 109 14.78 -18.08 -13.97
N GLN C 110 15.46 -17.00 -13.63
CA GLN C 110 16.88 -17.03 -13.32
C GLN C 110 17.12 -18.00 -12.18
N ALA C 111 16.17 -18.05 -11.25
CA ALA C 111 16.28 -18.95 -10.13
C ALA C 111 16.12 -20.41 -10.58
N ILE C 112 14.97 -20.81 -11.09
CA ILE C 112 14.83 -22.21 -11.52
C ILE C 112 15.94 -22.62 -12.50
N SER C 113 16.65 -21.64 -13.04
CA SER C 113 17.76 -21.96 -13.94
C SER C 113 18.85 -22.35 -12.98
N GLN C 114 19.01 -21.55 -11.93
CA GLN C 114 20.01 -21.81 -10.91
C GLN C 114 19.69 -23.12 -10.18
N ARG C 115 18.41 -23.52 -10.10
CA ARG C 115 18.09 -24.77 -9.39
C ARG C 115 18.35 -26.04 -10.20
N ILE C 116 19.32 -25.96 -11.10
CA ILE C 116 19.76 -27.07 -11.94
C ILE C 116 21.09 -26.68 -12.56
N GLN C 117 21.47 -25.42 -12.41
CA GLN C 117 22.76 -25.03 -12.92
C GLN C 117 23.55 -25.57 -11.75
N THR C 118 23.20 -25.04 -10.57
CA THR C 118 23.80 -25.41 -9.31
C THR C 118 23.62 -26.90 -9.03
N ASN C 119 22.79 -27.55 -9.85
CA ASN C 119 22.52 -28.97 -9.68
C ASN C 119 21.76 -29.19 -8.38
N ASN C 120 20.47 -28.88 -8.40
CA ASN C 120 19.60 -28.98 -7.22
C ASN C 120 18.21 -29.57 -7.49
N ASN C 121 17.96 -30.79 -7.03
CA ASN C 121 16.66 -31.43 -7.20
C ASN C 121 16.71 -32.78 -6.52
N PRO C 122 16.17 -32.88 -5.31
CA PRO C 122 16.16 -34.12 -4.52
C PRO C 122 15.40 -35.21 -5.19
N PHE C 123 14.25 -34.85 -5.69
CA PHE C 123 13.36 -35.78 -6.35
C PHE C 123 13.56 -35.98 -7.86
N HIS C 124 14.59 -35.36 -8.41
CA HIS C 124 14.91 -35.53 -9.83
C HIS C 124 13.71 -35.44 -10.75
N VAL C 125 13.06 -34.27 -10.72
CA VAL C 125 11.91 -33.95 -11.56
C VAL C 125 12.43 -33.44 -12.93
N PRO C 126 11.79 -33.86 -14.02
CA PRO C 126 12.15 -33.48 -15.39
C PRO C 126 11.96 -31.99 -15.68
N ILE C 127 12.75 -31.46 -16.62
CA ILE C 127 12.66 -30.05 -16.93
C ILE C 127 11.22 -29.67 -17.29
N GLU C 128 10.54 -30.60 -17.96
CA GLU C 128 9.17 -30.39 -18.38
C GLU C 128 8.29 -29.96 -17.23
N GLU C 129 8.49 -30.58 -16.08
CA GLU C 129 7.69 -30.32 -14.89
C GLU C 129 8.13 -29.03 -14.24
N GLN C 130 9.39 -28.71 -14.38
CA GLN C 130 9.90 -27.51 -13.75
C GLN C 130 9.39 -26.23 -14.37
N ARG C 131 8.84 -26.34 -15.58
CA ARG C 131 8.31 -25.18 -16.28
C ARG C 131 7.00 -24.66 -15.72
N GLY C 132 6.12 -25.55 -15.28
CA GLY C 132 4.84 -25.12 -14.74
C GLY C 132 5.00 -24.00 -13.75
N ASP C 133 4.14 -22.99 -13.79
CA ASP C 133 4.27 -21.89 -12.85
C ASP C 133 4.31 -22.36 -11.40
N TYR C 134 5.00 -21.61 -10.55
CA TYR C 134 5.15 -21.96 -9.14
C TYR C 134 4.12 -21.33 -8.23
N ASP C 135 4.17 -21.72 -6.96
CA ASP C 135 3.28 -21.19 -5.92
C ASP C 135 4.30 -20.56 -5.01
N LEU C 136 4.81 -19.38 -5.36
CA LEU C 136 5.81 -18.76 -4.54
C LEU C 136 5.29 -18.40 -3.14
N ASN C 137 4.17 -19.00 -2.73
CA ASN C 137 3.63 -18.71 -1.42
C ASN C 137 3.77 -19.76 -0.35
N ALA C 138 4.29 -20.92 -0.73
CA ALA C 138 4.47 -21.99 0.23
C ALA C 138 5.62 -22.92 -0.15
N VAL C 139 6.45 -23.23 0.86
CA VAL C 139 7.59 -24.12 0.71
C VAL C 139 7.66 -25.22 1.75
N ARG C 140 8.37 -26.29 1.39
CA ARG C 140 8.64 -27.47 2.21
C ARG C 140 10.13 -27.61 2.30
N LEU C 141 10.68 -27.77 3.49
CA LEU C 141 12.11 -27.98 3.65
C LEU C 141 12.36 -29.44 3.27
N CYS C 142 13.48 -29.75 2.62
CA CYS C 142 13.76 -31.13 2.22
C CYS C 142 15.05 -31.62 2.84
N PHE C 143 15.01 -32.14 4.06
CA PHE C 143 16.23 -32.62 4.71
C PHE C 143 16.71 -33.89 4.00
N GLN C 144 17.89 -33.85 3.40
CA GLN C 144 18.46 -35.05 2.75
C GLN C 144 19.86 -35.22 3.29
N VAL C 145 19.98 -36.17 4.21
CA VAL C 145 21.22 -36.46 4.95
C VAL C 145 22.21 -37.47 4.40
N THR C 146 23.48 -37.23 4.69
CA THR C 146 24.51 -38.12 4.25
C THR C 146 25.35 -38.59 5.43
N VAL C 147 25.18 -39.88 5.76
CA VAL C 147 25.91 -40.52 6.86
C VAL C 147 26.92 -41.47 6.23
N ARG C 148 27.47 -42.38 7.04
CA ARG C 148 28.43 -43.33 6.51
C ARG C 148 27.98 -44.76 6.53
N ASP C 149 28.27 -45.47 5.43
CA ASP C 149 27.91 -46.89 5.26
C ASP C 149 28.84 -47.82 6.10
N PRO C 150 28.35 -49.02 6.48
CA PRO C 150 29.12 -49.99 7.27
C PRO C 150 30.61 -49.96 6.99
N ALA C 151 30.95 -49.82 5.71
CA ALA C 151 32.34 -49.75 5.30
C ALA C 151 32.98 -48.44 5.78
N GLY C 152 32.40 -47.33 5.32
CA GLY C 152 32.91 -46.01 5.68
C GLY C 152 32.69 -44.95 4.60
N ARG C 153 32.24 -45.38 3.41
CA ARG C 153 31.98 -44.44 2.35
C ARG C 153 30.67 -43.67 2.60
N PRO C 154 30.50 -42.50 1.94
CA PRO C 154 29.30 -41.68 2.11
C PRO C 154 28.03 -42.43 1.77
N LEU C 155 26.97 -42.17 2.53
CA LEU C 155 25.68 -42.80 2.27
C LEU C 155 24.58 -41.75 2.18
N LEU C 156 23.85 -41.80 1.08
CA LEU C 156 22.76 -40.88 0.84
C LEU C 156 21.47 -41.40 1.48
N LEU C 157 21.08 -40.77 2.57
CA LEU C 157 19.83 -41.16 3.22
C LEU C 157 18.65 -40.61 2.43
N THR C 158 17.47 -41.20 2.66
CA THR C 158 16.29 -40.75 1.97
C THR C 158 15.94 -39.32 2.35
N PRO C 159 15.55 -38.52 1.36
CA PRO C 159 15.14 -37.11 1.55
C PRO C 159 13.79 -37.11 2.19
N VAL C 160 13.63 -36.32 3.23
CA VAL C 160 12.35 -36.24 3.89
C VAL C 160 11.90 -34.79 3.86
N LEU C 161 10.60 -34.56 3.65
CA LEU C 161 10.05 -33.21 3.56
C LEU C 161 9.36 -32.79 4.84
N SER C 162 9.35 -31.49 5.14
CA SER C 162 8.71 -31.01 6.36
C SER C 162 7.41 -30.40 5.99
N HIS C 163 6.50 -30.31 6.95
CA HIS C 163 5.19 -29.70 6.71
C HIS C 163 5.47 -28.44 5.96
N PRO C 164 4.59 -28.07 5.05
CA PRO C 164 4.82 -26.86 4.29
C PRO C 164 4.92 -25.69 5.19
N ILE C 165 5.60 -24.66 4.71
CA ILE C 165 5.72 -23.42 5.42
C ILE C 165 5.03 -22.46 4.47
N PHE C 166 4.23 -21.56 5.00
CA PHE C 166 3.49 -20.58 4.19
C PHE C 166 3.91 -19.17 4.48
N ASP C 167 4.07 -18.35 3.44
CA ASP C 167 4.43 -16.93 3.63
C ASP C 167 3.35 -16.25 4.50
N ASN C 168 3.62 -15.06 4.99
CA ASN C 168 2.61 -14.38 5.79
C ASN C 168 2.15 -13.16 5.04
N ARG C 169 3.07 -12.60 4.24
CA ARG C 169 2.83 -11.43 3.39
C ARG C 169 1.68 -11.69 2.43
N ALA C 170 1.73 -12.81 1.73
CA ALA C 170 0.69 -13.14 0.79
C ALA C 170 -0.64 -13.18 1.53
N PRO C 171 -1.47 -12.17 1.30
CA PRO C 171 -2.81 -11.91 1.86
C PRO C 171 -3.79 -13.07 1.73
N ASN C 172 -3.39 -14.10 1.04
CA ASN C 172 -4.25 -15.25 0.83
C ASN C 172 -3.67 -16.48 1.50
N THR C 173 -2.40 -16.38 1.86
CA THR C 173 -1.74 -17.49 2.48
C THR C 173 -1.36 -17.23 3.94
N ALA C 174 -1.93 -16.15 4.48
CA ALA C 174 -1.67 -15.75 5.86
C ALA C 174 -2.44 -16.54 6.90
N GLU C 175 -2.35 -16.10 8.14
CA GLU C 175 -3.04 -16.75 9.24
C GLU C 175 -4.18 -15.86 9.67
N LEU C 176 -5.40 -16.32 9.44
CA LEU C 176 -6.53 -15.51 9.83
C LEU C 176 -6.41 -15.07 11.29
N LYS C 177 -6.65 -13.80 11.56
CA LYS C 177 -6.51 -13.31 12.91
C LYS C 177 -7.42 -12.15 13.28
N ILE C 178 -8.55 -12.44 13.90
CA ILE C 178 -9.48 -11.43 14.39
C ILE C 178 -8.68 -10.50 15.31
N CYS C 179 -9.17 -9.29 15.58
CA CYS C 179 -8.44 -8.37 16.45
C CYS C 179 -9.34 -7.81 17.52
N ARG C 180 -9.93 -6.65 17.24
CA ARG C 180 -10.87 -6.05 18.19
C ARG C 180 -12.21 -6.51 17.68
N VAL C 181 -13.29 -6.15 18.39
CA VAL C 181 -14.60 -6.58 17.93
C VAL C 181 -15.85 -5.92 18.55
N ASN C 182 -16.43 -5.00 17.81
CA ASN C 182 -17.67 -4.32 18.18
C ASN C 182 -18.52 -5.01 19.31
N ARG C 183 -18.97 -6.25 19.08
CA ARG C 183 -19.83 -6.91 20.07
C ARG C 183 -19.89 -8.41 19.90
N ASN C 184 -20.73 -9.05 20.71
CA ASN C 184 -20.88 -10.50 20.66
C ASN C 184 -22.14 -11.16 21.27
N SER C 185 -23.02 -10.40 21.89
CA SER C 185 -24.22 -11.00 22.48
C SER C 185 -25.32 -11.49 21.54
N GLY C 186 -25.79 -10.61 20.64
CA GLY C 186 -26.85 -10.99 19.70
C GLY C 186 -27.99 -11.72 20.41
N SER C 187 -28.65 -12.61 19.69
CA SER C 187 -29.76 -13.39 20.26
C SER C 187 -30.03 -14.60 19.36
N CYS C 188 -30.78 -15.56 19.92
CA CYS C 188 -31.14 -16.80 19.23
C CYS C 188 -31.57 -16.52 17.79
N LEU C 189 -32.38 -15.47 17.62
CA LEU C 189 -32.88 -15.09 16.29
C LEU C 189 -31.76 -14.65 15.38
N GLY C 190 -30.76 -14.00 15.97
CA GLY C 190 -29.60 -13.60 15.18
C GLY C 190 -29.40 -12.24 14.55
N GLY C 191 -30.17 -11.94 13.50
CA GLY C 191 -30.06 -10.69 12.75
C GLY C 191 -29.51 -9.41 13.38
N ASP C 192 -28.27 -9.45 13.88
CA ASP C 192 -27.61 -8.29 14.54
C ASP C 192 -26.29 -7.89 13.88
N GLU C 193 -26.01 -6.58 13.80
CA GLU C 193 -24.78 -6.10 13.19
C GLU C 193 -23.59 -5.98 14.14
N ILE C 194 -22.53 -6.71 13.80
CA ILE C 194 -21.31 -6.68 14.60
C ILE C 194 -20.26 -5.99 13.73
N PHE C 195 -19.23 -5.41 14.34
CA PHE C 195 -18.15 -4.82 13.55
C PHE C 195 -16.97 -5.68 13.94
N LEU C 196 -16.26 -6.18 12.94
CA LEU C 196 -15.10 -7.00 13.18
C LEU C 196 -13.89 -6.25 12.59
N LEU C 197 -12.78 -6.27 13.33
CA LEU C 197 -11.54 -5.61 12.93
C LEU C 197 -10.49 -6.64 12.58
N CYS C 198 -10.77 -7.42 11.55
CA CYS C 198 -9.85 -8.45 11.16
C CYS C 198 -8.46 -7.97 10.74
N ASP C 199 -7.58 -8.93 10.57
CA ASP C 199 -6.24 -8.69 10.12
C ASP C 199 -6.51 -8.79 8.64
N LYS C 200 -5.56 -8.34 7.82
CA LYS C 200 -5.70 -8.33 6.36
C LYS C 200 -6.29 -9.60 5.75
N VAL C 201 -7.59 -9.52 5.42
CA VAL C 201 -8.37 -10.62 4.81
C VAL C 201 -8.67 -10.33 3.37
N GLN C 202 -9.51 -11.17 2.77
CA GLN C 202 -9.87 -10.96 1.38
C GLN C 202 -11.37 -11.11 1.15
N LYS C 203 -12.03 -10.05 0.68
CA LYS C 203 -13.48 -10.10 0.47
C LYS C 203 -14.02 -11.21 -0.44
N GLU C 204 -13.20 -11.83 -1.29
CA GLU C 204 -13.76 -12.91 -2.09
C GLU C 204 -13.77 -14.23 -1.34
N ASP C 205 -12.65 -14.54 -0.68
CA ASP C 205 -12.44 -15.81 0.08
C ASP C 205 -12.18 -15.66 1.62
N ILE C 206 -13.26 -15.48 2.38
CA ILE C 206 -13.19 -15.34 3.86
C ILE C 206 -14.64 -15.23 4.29
N GLU C 207 -14.93 -15.54 5.55
CA GLU C 207 -16.31 -15.48 6.06
C GLU C 207 -16.47 -15.97 7.50
N VAL C 208 -16.97 -15.08 8.38
CA VAL C 208 -17.19 -15.42 9.79
C VAL C 208 -18.00 -16.71 9.94
N TYR C 209 -17.41 -17.69 10.61
CA TYR C 209 -18.01 -19.00 10.81
C TYR C 209 -18.63 -19.26 12.16
N PHE C 210 -19.74 -18.60 12.48
CA PHE C 210 -20.35 -18.89 13.77
C PHE C 210 -20.54 -20.39 13.88
N THR C 211 -20.18 -20.95 15.01
CA THR C 211 -20.26 -22.40 15.15
C THR C 211 -20.25 -22.84 16.62
N GLY C 212 -20.40 -24.13 16.86
CA GLY C 212 -20.37 -24.58 18.24
C GLY C 212 -20.59 -26.06 18.41
N PRO C 213 -20.21 -26.85 17.38
CA PRO C 213 -20.42 -28.30 17.49
C PRO C 213 -21.81 -28.64 18.05
N GLY C 214 -22.67 -28.92 17.08
CA GLY C 214 -24.06 -29.20 17.32
C GLY C 214 -24.79 -28.13 16.54
N TRP C 215 -23.95 -27.30 15.88
CA TRP C 215 -24.39 -26.16 15.08
C TRP C 215 -23.22 -25.71 14.16
N GLU C 216 -23.42 -24.57 13.50
CA GLU C 216 -22.46 -23.95 12.60
C GLU C 216 -23.18 -23.00 11.64
N ALA C 217 -22.71 -21.77 11.55
CA ALA C 217 -23.30 -20.78 10.67
C ALA C 217 -22.40 -19.59 10.35
N ARG C 218 -22.44 -19.13 9.10
CA ARG C 218 -21.65 -17.97 8.69
C ARG C 218 -22.37 -16.68 9.16
N GLY C 219 -21.71 -15.54 9.00
CA GLY C 219 -22.34 -14.28 9.36
C GLY C 219 -22.88 -13.72 8.05
N SER C 220 -24.05 -13.09 8.08
CA SER C 220 -24.59 -12.53 6.83
C SER C 220 -23.94 -11.18 6.55
N PHE C 221 -23.24 -11.09 5.42
CA PHE C 221 -22.59 -9.84 4.96
C PHE C 221 -22.22 -10.02 3.48
N SER C 222 -21.50 -9.06 2.91
CA SER C 222 -21.14 -9.18 1.51
C SER C 222 -19.83 -8.53 1.17
N GLN C 223 -19.25 -8.96 0.05
CA GLN C 223 -17.97 -8.42 -0.39
C GLN C 223 -17.96 -6.92 -0.29
N ALA C 224 -19.10 -6.31 -0.52
CA ALA C 224 -19.09 -4.87 -0.44
C ALA C 224 -18.82 -4.49 1.02
N ASP C 225 -19.32 -5.29 1.96
CA ASP C 225 -19.13 -5.03 3.37
C ASP C 225 -17.72 -5.24 3.82
N VAL C 226 -16.86 -5.84 3.02
CA VAL C 226 -15.48 -6.00 3.51
C VAL C 226 -14.59 -4.82 3.16
N HIS C 227 -14.43 -3.98 4.19
CA HIS C 227 -13.69 -2.71 4.22
C HIS C 227 -12.16 -2.72 4.24
N ARG C 228 -11.56 -2.61 3.06
CA ARG C 228 -10.10 -2.57 2.91
C ARG C 228 -9.32 -3.75 3.41
N GLN C 229 -9.85 -4.93 3.13
CA GLN C 229 -9.23 -6.18 3.53
C GLN C 229 -9.16 -6.26 5.07
N VAL C 230 -9.45 -5.15 5.73
CA VAL C 230 -9.38 -5.07 7.16
C VAL C 230 -10.64 -5.22 7.99
N ALA C 231 -11.72 -4.53 7.62
CA ALA C 231 -12.95 -4.60 8.38
C ALA C 231 -14.08 -5.35 7.69
N ILE C 232 -14.79 -6.15 8.46
CA ILE C 232 -15.92 -6.93 7.96
C ILE C 232 -17.09 -6.48 8.82
N VAL C 233 -18.24 -6.28 8.22
CA VAL C 233 -19.41 -5.87 8.99
C VAL C 233 -20.52 -6.85 8.64
N PHE C 234 -20.71 -7.89 9.45
CA PHE C 234 -21.73 -8.90 9.19
C PHE C 234 -22.85 -8.75 10.19
N ARG C 235 -23.83 -9.64 10.08
CA ARG C 235 -24.95 -9.65 11.02
C ARG C 235 -24.99 -11.02 11.68
N THR C 236 -25.21 -11.01 12.99
CA THR C 236 -25.28 -12.20 13.81
C THR C 236 -26.27 -13.15 13.21
N PRO C 237 -25.80 -14.36 12.94
CA PRO C 237 -26.53 -15.48 12.34
C PRO C 237 -27.75 -15.98 13.11
N PRO C 238 -28.78 -16.46 12.40
CA PRO C 238 -29.89 -16.93 13.20
C PRO C 238 -29.27 -18.12 13.90
N TYR C 239 -29.53 -18.31 15.17
CA TYR C 239 -28.93 -19.48 15.80
C TYR C 239 -29.70 -20.69 15.27
N ALA C 240 -29.14 -21.91 15.40
CA ALA C 240 -29.88 -23.12 14.94
C ALA C 240 -31.19 -23.22 15.70
N ASP C 241 -31.08 -22.89 16.99
CA ASP C 241 -32.17 -22.84 17.92
C ASP C 241 -32.70 -21.40 17.79
N PRO C 242 -33.90 -21.24 17.22
CA PRO C 242 -34.45 -19.89 17.06
C PRO C 242 -35.57 -19.66 18.08
N SER C 243 -35.48 -20.35 19.21
CA SER C 243 -36.46 -20.23 20.30
C SER C 243 -35.77 -20.55 21.66
N LEU C 244 -34.48 -20.20 21.72
CA LEU C 244 -33.65 -20.39 22.91
C LEU C 244 -34.45 -19.90 24.13
N GLN C 245 -33.92 -20.11 25.33
CA GLN C 245 -34.59 -19.66 26.55
C GLN C 245 -33.50 -19.14 27.50
N ALA C 246 -32.35 -19.83 27.45
CA ALA C 246 -31.17 -19.54 28.27
C ALA C 246 -29.99 -19.35 27.31
N PRO C 247 -28.92 -18.66 27.75
CA PRO C 247 -27.69 -18.35 26.99
C PRO C 247 -26.66 -19.39 26.45
N VAL C 248 -26.92 -19.92 25.26
CA VAL C 248 -25.97 -20.83 24.60
C VAL C 248 -24.83 -19.88 24.17
N ARG C 249 -23.57 -20.25 24.39
CA ARG C 249 -22.52 -19.30 23.97
C ARG C 249 -21.49 -19.84 22.98
N VAL C 250 -21.94 -20.07 21.75
CA VAL C 250 -21.13 -20.59 20.65
C VAL C 250 -19.76 -19.94 20.42
N SER C 251 -19.24 -20.03 19.21
CA SER C 251 -17.93 -19.45 18.89
C SER C 251 -17.81 -18.96 17.42
N MET C 252 -17.36 -17.72 17.24
CA MET C 252 -17.23 -17.22 15.89
C MET C 252 -15.78 -17.07 15.49
N GLN C 253 -15.47 -17.39 14.25
CA GLN C 253 -14.09 -17.28 13.80
C GLN C 253 -14.03 -17.14 12.30
N LEU C 254 -13.19 -16.23 11.82
CA LEU C 254 -13.03 -15.99 10.40
C LEU C 254 -12.56 -17.27 9.77
N ARG C 255 -13.21 -17.69 8.71
CA ARG C 255 -12.80 -18.92 8.03
C ARG C 255 -12.42 -18.60 6.61
N ARG C 256 -11.40 -19.26 6.09
CA ARG C 256 -11.01 -18.97 4.73
C ARG C 256 -11.38 -20.11 3.86
N PRO C 257 -12.48 -19.97 3.14
CA PRO C 257 -13.00 -20.99 2.24
C PRO C 257 -11.94 -21.81 1.48
N SER C 258 -11.24 -21.18 0.54
CA SER C 258 -10.26 -21.89 -0.29
C SER C 258 -9.39 -22.93 0.40
N ASP C 259 -8.60 -22.51 1.38
CA ASP C 259 -7.67 -23.38 2.11
C ASP C 259 -8.33 -24.01 3.32
N ARG C 260 -9.41 -23.37 3.76
CA ARG C 260 -10.17 -23.80 4.90
C ARG C 260 -9.60 -23.41 6.25
N GLU C 261 -8.48 -22.68 6.29
CA GLU C 261 -7.95 -22.29 7.60
C GLU C 261 -9.03 -21.55 8.34
N LEU C 262 -8.97 -21.59 9.66
CA LEU C 262 -9.90 -20.84 10.48
C LEU C 262 -9.02 -20.15 11.47
N SER C 263 -9.57 -19.20 12.20
CA SER C 263 -8.76 -18.51 13.18
C SER C 263 -9.12 -18.95 14.59
N GLU C 264 -8.24 -18.56 15.52
CA GLU C 264 -8.43 -18.82 16.95
C GLU C 264 -9.80 -18.20 17.12
N PRO C 265 -10.73 -18.90 17.71
CA PRO C 265 -12.08 -18.37 17.90
C PRO C 265 -12.18 -17.32 19.00
N MET C 266 -13.35 -16.68 19.04
CA MET C 266 -13.65 -15.73 20.09
C MET C 266 -14.96 -16.23 20.74
N GLU C 267 -15.48 -15.50 21.71
CA GLU C 267 -16.68 -15.91 22.42
C GLU C 267 -17.94 -15.10 22.14
N PHE C 268 -18.70 -15.53 21.14
CA PHE C 268 -19.95 -14.82 20.87
C PHE C 268 -20.97 -15.33 21.88
N GLN C 269 -21.65 -14.41 22.54
CA GLN C 269 -22.65 -14.72 23.55
C GLN C 269 -24.12 -14.82 23.09
N TYR C 270 -24.43 -15.72 22.15
CA TYR C 270 -25.81 -15.88 21.68
C TYR C 270 -26.82 -15.89 22.83
N LEU C 271 -27.57 -14.79 22.97
CA LEU C 271 -28.55 -14.64 24.05
C LEU C 271 -30.00 -15.18 23.84
N PRO C 272 -30.80 -15.19 24.94
CA PRO C 272 -32.18 -15.66 24.85
C PRO C 272 -32.96 -14.61 24.11
N ASP C 273 -33.53 -15.05 22.99
CA ASP C 273 -34.36 -14.28 22.02
C ASP C 273 -35.09 -12.96 22.40
N GLY D 1 -1.00 45.54 -21.04
CA GLY D 1 -0.82 44.79 -22.37
C GLY D 1 -1.34 43.36 -22.42
N PRO D 2 -0.83 42.51 -23.33
CA PRO D 2 -1.38 41.15 -23.31
C PRO D 2 -0.97 40.47 -22.00
N TYR D 3 -1.65 39.39 -21.60
CA TYR D 3 -1.29 38.66 -20.36
C TYR D 3 -2.20 37.46 -20.15
N LEU D 4 -1.61 36.32 -19.77
CA LEU D 4 -2.37 35.09 -19.53
C LEU D 4 -3.07 35.17 -18.21
N GLN D 5 -4.32 34.74 -18.20
CA GLN D 5 -5.10 34.72 -16.99
C GLN D 5 -5.60 33.30 -16.91
N ILE D 6 -5.85 32.80 -15.71
CA ILE D 6 -6.33 31.45 -15.59
C ILE D 6 -7.87 31.43 -15.53
N LEU D 7 -8.51 31.03 -16.63
CA LEU D 7 -9.97 30.97 -16.66
C LEU D 7 -10.41 29.85 -15.73
N GLU D 8 -9.64 28.78 -15.65
CA GLU D 8 -9.97 27.66 -14.77
C GLU D 8 -8.77 26.87 -14.26
N GLN D 9 -8.61 26.86 -12.94
CA GLN D 9 -7.52 26.17 -12.28
C GLN D 9 -7.88 24.71 -12.24
N PRO D 10 -6.89 23.85 -12.04
CA PRO D 10 -7.08 22.40 -11.96
C PRO D 10 -7.76 22.04 -10.65
N LYS D 11 -8.52 20.94 -10.67
CA LYS D 11 -9.26 20.47 -9.51
C LYS D 11 -8.52 20.53 -8.17
N GLN D 12 -7.21 20.35 -8.20
CA GLN D 12 -6.39 20.40 -6.99
C GLN D 12 -6.40 19.21 -6.07
N ARG D 13 -7.59 18.79 -5.69
CA ARG D 13 -7.67 17.65 -4.79
C ARG D 13 -8.50 16.54 -5.40
N GLY D 14 -7.85 15.40 -5.67
CA GLY D 14 -8.58 14.27 -6.24
C GLY D 14 -8.03 13.57 -7.47
N PHE D 15 -6.91 14.03 -8.00
CA PHE D 15 -6.37 13.39 -9.18
C PHE D 15 -5.14 12.58 -8.86
N ARG D 16 -5.26 11.25 -8.98
CA ARG D 16 -4.19 10.26 -8.74
C ARG D 16 -3.10 10.24 -9.79
N PHE D 17 -1.89 10.60 -9.43
CA PHE D 17 -0.81 10.58 -10.38
C PHE D 17 -0.70 9.14 -10.81
N ARG D 18 -0.33 8.90 -12.06
CA ARG D 18 -0.20 7.55 -12.57
C ARG D 18 1.19 7.23 -13.07
N TYR D 19 1.74 6.18 -12.49
CA TYR D 19 3.05 5.70 -12.84
C TYR D 19 3.10 5.37 -14.29
N VAL D 20 4.28 5.50 -14.87
CA VAL D 20 4.50 5.22 -16.27
C VAL D 20 4.09 3.81 -16.58
N CYS D 21 3.92 2.99 -15.54
CA CYS D 21 3.56 1.58 -15.67
C CYS D 21 2.08 1.24 -15.45
N GLU D 22 1.20 2.23 -15.57
CA GLU D 22 -0.21 2.00 -15.33
C GLU D 22 -1.13 1.98 -16.56
N GLY D 23 -0.72 2.65 -17.61
CA GLY D 23 -1.55 2.65 -18.78
C GLY D 23 -1.86 4.06 -19.19
N PRO D 24 -1.96 4.31 -20.50
CA PRO D 24 -2.27 5.67 -20.88
C PRO D 24 -3.79 5.76 -20.69
N SER D 25 -4.37 6.93 -20.97
CA SER D 25 -5.81 7.11 -20.87
C SER D 25 -6.40 6.51 -19.62
N HIS D 26 -5.82 6.84 -18.47
CA HIS D 26 -6.30 6.33 -17.18
C HIS D 26 -7.25 7.26 -16.46
N GLY D 27 -7.16 8.53 -16.84
CA GLY D 27 -7.99 9.58 -16.27
C GLY D 27 -7.52 10.86 -16.93
N GLY D 28 -7.98 12.01 -16.47
CA GLY D 28 -7.55 13.26 -17.07
C GLY D 28 -7.68 14.33 -16.01
N LEU D 29 -6.63 15.14 -15.81
CA LEU D 29 -6.65 16.22 -14.79
C LEU D 29 -7.95 16.98 -14.94
N PRO D 30 -8.83 16.89 -13.95
CA PRO D 30 -10.07 17.63 -14.15
C PRO D 30 -9.92 19.09 -13.76
N GLY D 31 -10.78 19.94 -14.31
CA GLY D 31 -10.73 21.34 -13.93
C GLY D 31 -11.43 21.38 -12.58
N ALA D 32 -11.55 22.55 -11.96
CA ALA D 32 -12.22 22.56 -10.68
C ALA D 32 -13.73 22.48 -10.91
N SER D 33 -14.21 21.37 -11.46
CA SER D 33 -15.65 21.26 -11.71
C SER D 33 -16.29 19.88 -11.59
N SER D 34 -17.23 19.83 -10.66
CA SER D 34 -18.04 18.65 -10.38
C SER D 34 -19.40 18.81 -11.08
N GLU D 35 -19.95 20.04 -11.00
CA GLU D 35 -21.24 20.49 -11.59
C GLU D 35 -22.15 19.46 -12.25
N LYS D 36 -22.53 18.45 -11.50
CA LYS D 36 -23.41 17.42 -12.02
C LYS D 36 -23.17 16.96 -13.47
N ASN D 37 -24.21 16.96 -14.28
CA ASN D 37 -24.12 16.53 -15.69
C ASN D 37 -23.18 17.43 -16.52
N LYS D 38 -21.88 17.34 -16.28
CA LYS D 38 -20.88 18.15 -17.00
C LYS D 38 -19.42 18.00 -16.56
N LYS D 39 -18.59 17.53 -17.49
CA LYS D 39 -17.15 17.38 -17.24
C LYS D 39 -16.54 18.79 -17.16
N SER D 40 -15.23 18.85 -16.98
CA SER D 40 -14.53 20.12 -16.91
C SER D 40 -13.09 19.89 -17.29
N TYR D 41 -12.30 20.94 -17.23
CA TYR D 41 -10.88 20.84 -17.49
C TYR D 41 -10.27 22.20 -17.41
N PRO D 42 -9.02 22.30 -16.94
CA PRO D 42 -8.31 23.56 -16.81
C PRO D 42 -8.27 24.36 -18.12
N GLN D 43 -8.28 25.69 -18.02
CA GLN D 43 -8.20 26.52 -19.21
C GLN D 43 -7.74 27.94 -18.89
N VAL D 44 -6.90 28.48 -19.76
CA VAL D 44 -6.38 29.84 -19.60
C VAL D 44 -6.80 30.78 -20.74
N LYS D 45 -6.66 32.09 -20.56
CA LYS D 45 -7.01 33.02 -21.62
C LYS D 45 -6.16 34.25 -21.58
N ILE D 46 -5.59 34.58 -22.73
CA ILE D 46 -4.77 35.77 -22.83
C ILE D 46 -5.66 37.02 -22.52
N CYS D 47 -5.08 38.22 -22.53
CA CYS D 47 -5.83 39.44 -22.29
C CYS D 47 -5.13 40.61 -22.91
N ASN D 48 -5.90 41.47 -23.59
CA ASN D 48 -5.34 42.62 -24.32
C ASN D 48 -4.47 41.84 -25.30
N TYR D 49 -5.11 40.73 -25.69
CA TYR D 49 -4.71 39.63 -26.56
C TYR D 49 -3.71 39.75 -27.64
N VAL D 50 -3.57 38.68 -28.40
CA VAL D 50 -2.63 38.62 -29.49
C VAL D 50 -3.14 37.72 -30.65
N GLY D 51 -4.45 37.87 -30.99
CA GLY D 51 -5.09 37.10 -32.04
C GLY D 51 -4.55 35.69 -31.95
N PRO D 52 -3.54 35.36 -32.75
CA PRO D 52 -2.87 34.05 -32.80
C PRO D 52 -1.67 34.02 -31.88
N ALA D 53 -1.57 32.96 -31.08
CA ALA D 53 -0.46 32.78 -30.15
C ALA D 53 -0.41 31.33 -29.62
N LYS D 54 0.77 30.87 -29.21
CA LYS D 54 0.85 29.50 -28.67
C LYS D 54 1.19 29.53 -27.19
N VAL D 55 0.53 28.64 -26.42
CA VAL D 55 0.77 28.51 -24.98
C VAL D 55 1.21 27.09 -24.70
N ILE D 56 2.28 26.95 -23.91
CA ILE D 56 2.82 25.66 -23.52
C ILE D 56 2.57 25.52 -22.03
N VAL D 57 2.31 24.30 -21.56
CA VAL D 57 2.05 23.99 -20.15
C VAL D 57 3.06 22.95 -19.65
N GLN D 58 3.57 23.14 -18.43
CA GLN D 58 4.55 22.24 -17.79
C GLN D 58 4.38 22.22 -16.27
N LEU D 59 4.97 21.23 -15.61
CA LEU D 59 4.87 21.08 -14.15
C LEU D 59 6.00 21.68 -13.31
N VAL D 60 5.67 22.63 -12.43
CA VAL D 60 6.67 23.23 -11.56
C VAL D 60 6.50 22.73 -10.14
N THR D 61 7.31 23.22 -9.22
CA THR D 61 7.25 22.79 -7.85
C THR D 61 6.09 23.34 -7.08
N ASN D 62 6.18 23.39 -5.76
CA ASN D 62 5.10 23.88 -4.93
C ASN D 62 5.61 24.64 -3.73
N GLY D 63 6.92 24.60 -3.56
CA GLY D 63 7.53 25.26 -2.42
C GLY D 63 7.48 26.77 -2.47
N LYS D 64 8.43 27.39 -1.79
CA LYS D 64 8.52 28.83 -1.77
C LYS D 64 8.60 29.37 -3.21
N ASN D 65 9.54 28.85 -4.01
CA ASN D 65 9.72 29.29 -5.39
C ASN D 65 9.46 28.23 -6.43
N ILE D 66 9.06 28.68 -7.62
CA ILE D 66 8.71 27.82 -8.75
C ILE D 66 9.83 27.16 -9.55
N HIS D 67 10.06 25.90 -9.24
CA HIS D 67 11.08 25.13 -9.90
C HIS D 67 10.48 24.09 -10.80
N LEU D 68 11.38 23.44 -11.55
CA LEU D 68 11.03 22.39 -12.51
C LEU D 68 10.86 21.03 -11.81
N HIS D 69 9.64 20.50 -11.83
CA HIS D 69 9.29 19.22 -11.20
C HIS D 69 9.53 18.01 -12.07
N ALA D 70 10.03 16.94 -11.47
CA ALA D 70 10.33 15.71 -12.21
C ALA D 70 9.15 15.12 -12.97
N HIS D 71 8.00 14.94 -12.31
CA HIS D 71 6.82 14.37 -12.98
C HIS D 71 6.65 15.16 -14.24
N SER D 72 6.10 14.53 -15.25
CA SER D 72 5.93 15.23 -16.51
C SER D 72 4.46 15.27 -16.87
N LEU D 73 4.05 16.26 -17.66
CA LEU D 73 2.67 16.30 -18.06
C LEU D 73 2.59 15.42 -19.26
N VAL D 74 1.61 14.54 -19.29
CA VAL D 74 1.42 13.63 -20.38
C VAL D 74 -0.02 13.64 -20.81
N GLY D 75 -0.22 13.83 -22.11
CA GLY D 75 -1.55 13.84 -22.70
C GLY D 75 -1.39 13.93 -24.20
N LYS D 76 -2.46 14.28 -24.89
CA LYS D 76 -2.43 14.41 -26.34
C LYS D 76 -1.20 15.21 -26.82
N HIS D 77 -1.38 16.52 -27.01
CA HIS D 77 -0.34 17.40 -27.48
C HIS D 77 0.90 17.52 -26.62
N CYS D 78 0.98 16.75 -25.54
CA CYS D 78 2.15 16.83 -24.68
C CYS D 78 3.22 15.92 -25.20
N GLU D 79 4.44 16.29 -24.85
CA GLU D 79 5.67 15.57 -25.18
C GLU D 79 6.79 16.19 -24.36
N ASP D 80 7.51 15.34 -23.62
CA ASP D 80 8.62 15.79 -22.76
C ASP D 80 8.12 16.63 -21.60
N GLY D 81 6.98 16.21 -21.05
CA GLY D 81 6.36 16.90 -19.93
C GLY D 81 6.24 18.38 -20.20
N VAL D 82 5.51 18.70 -21.26
CA VAL D 82 5.28 20.05 -21.72
C VAL D 82 4.08 19.87 -22.67
N CYS D 83 3.26 20.89 -22.90
CA CYS D 83 2.15 20.70 -23.84
C CYS D 83 1.90 21.97 -24.61
N THR D 84 2.21 21.91 -25.89
CA THR D 84 2.03 23.05 -26.75
C THR D 84 0.67 23.08 -27.41
N VAL D 85 -0.29 23.70 -26.75
CA VAL D 85 -1.61 23.89 -27.32
C VAL D 85 -1.53 25.30 -27.94
N THR D 86 -2.18 25.49 -29.07
CA THR D 86 -2.11 26.82 -29.67
C THR D 86 -3.44 27.54 -29.59
N ALA D 87 -3.35 28.77 -29.10
CA ALA D 87 -4.52 29.64 -28.99
C ALA D 87 -4.14 30.73 -29.97
N GLY D 88 -4.34 30.43 -31.24
CA GLY D 88 -3.98 31.36 -32.28
C GLY D 88 -5.00 31.83 -33.29
N PRO D 89 -6.20 32.27 -32.88
CA PRO D 89 -7.17 32.74 -33.87
C PRO D 89 -7.77 34.10 -33.48
N LYS D 90 -9.10 34.10 -33.31
CA LYS D 90 -9.86 35.26 -32.89
C LYS D 90 -10.39 34.93 -31.48
N ASP D 91 -10.01 33.74 -30.98
CA ASP D 91 -10.46 33.21 -29.68
C ASP D 91 -9.31 32.83 -28.75
N MET D 92 -9.07 33.65 -27.72
CA MET D 92 -7.95 33.43 -26.78
C MET D 92 -8.04 32.33 -25.73
N VAL D 93 -9.25 32.08 -25.24
CA VAL D 93 -9.45 31.03 -24.26
C VAL D 93 -8.89 29.72 -24.83
N VAL D 94 -8.01 29.06 -24.07
CA VAL D 94 -7.39 27.81 -24.48
C VAL D 94 -7.27 26.73 -23.37
N GLY D 95 -8.19 25.76 -23.40
CA GLY D 95 -8.18 24.69 -22.42
C GLY D 95 -7.14 23.58 -22.61
N PHE D 96 -6.80 22.89 -21.53
CA PHE D 96 -5.85 21.80 -21.59
C PHE D 96 -6.57 20.56 -21.16
N ALA D 97 -7.30 19.97 -22.08
CA ALA D 97 -8.04 18.77 -21.77
C ALA D 97 -7.21 17.50 -21.91
N ASN D 98 -7.63 16.50 -21.17
CA ASN D 98 -6.97 15.21 -21.13
C ASN D 98 -5.46 15.27 -20.99
N LEU D 99 -5.05 15.83 -19.84
CA LEU D 99 -3.67 15.95 -19.45
C LEU D 99 -3.45 14.95 -18.32
N GLY D 100 -2.20 14.58 -18.10
CA GLY D 100 -1.86 13.63 -17.06
C GLY D 100 -0.51 13.80 -16.41
N ILE D 101 -0.42 13.31 -15.19
CA ILE D 101 0.82 13.40 -14.44
C ILE D 101 1.51 12.03 -14.33
N LEU D 102 2.62 11.90 -15.05
CA LEU D 102 3.41 10.69 -15.01
C LEU D 102 4.06 10.73 -13.64
N HIS D 103 3.95 9.67 -12.85
CA HIS D 103 4.60 9.70 -11.53
C HIS D 103 5.98 9.08 -11.66
N VAL D 104 6.99 9.90 -11.44
CA VAL D 104 8.36 9.47 -11.57
C VAL D 104 8.78 8.69 -10.36
N THR D 105 9.55 7.67 -10.63
CA THR D 105 10.05 6.83 -9.59
C THR D 105 11.19 7.54 -8.86
N LYS D 106 11.13 7.49 -7.53
CA LYS D 106 12.14 8.08 -6.66
C LYS D 106 13.44 7.70 -7.32
N LYS D 107 13.50 6.43 -7.65
CA LYS D 107 14.63 5.81 -8.28
C LYS D 107 15.11 6.62 -9.49
N LYS D 108 14.22 7.37 -10.11
CA LYS D 108 14.63 8.14 -11.27
C LYS D 108 14.48 9.67 -11.23
N VAL D 109 14.33 10.27 -10.04
CA VAL D 109 14.16 11.72 -10.01
C VAL D 109 15.31 12.57 -10.60
N PHE D 110 16.53 12.42 -10.09
CA PHE D 110 17.68 13.18 -10.60
C PHE D 110 17.77 13.16 -12.11
N GLU D 111 17.59 11.97 -12.67
CA GLU D 111 17.67 11.80 -14.11
C GLU D 111 16.67 12.66 -14.93
N THR D 112 15.37 12.55 -14.61
CA THR D 112 14.37 13.32 -15.32
C THR D 112 14.63 14.78 -15.02
N LEU D 113 15.02 15.07 -13.77
CA LEU D 113 15.27 16.44 -13.39
C LEU D 113 16.35 17.08 -14.25
N GLU D 114 17.56 16.54 -14.17
CA GLU D 114 18.70 17.02 -14.97
C GLU D 114 18.31 17.12 -16.45
N ALA D 115 17.55 16.13 -16.89
CA ALA D 115 17.07 16.06 -18.26
C ALA D 115 16.00 17.06 -18.56
N ARG D 116 15.51 17.78 -17.55
CA ARG D 116 14.50 18.79 -17.82
C ARG D 116 15.14 20.17 -17.77
N MET D 117 15.86 20.45 -16.69
CA MET D 117 16.53 21.72 -16.55
C MET D 117 17.34 21.95 -17.79
N THR D 118 18.11 20.94 -18.18
CA THR D 118 18.98 21.01 -19.36
C THR D 118 18.21 21.34 -20.66
N GLU D 119 17.09 20.66 -20.90
CA GLU D 119 16.31 20.91 -22.09
C GLU D 119 15.42 22.12 -21.81
N ALA D 120 16.07 23.14 -21.23
CA ALA D 120 15.44 24.39 -20.85
C ALA D 120 16.43 25.53 -20.70
N CYS D 121 17.67 25.26 -20.27
CA CYS D 121 18.68 26.33 -20.16
C CYS D 121 19.04 26.69 -21.60
N ILE D 122 18.66 25.81 -22.51
CA ILE D 122 18.92 26.00 -23.92
C ILE D 122 17.71 26.64 -24.59
N ARG D 123 16.81 27.15 -23.77
CA ARG D 123 15.57 27.80 -24.24
C ARG D 123 15.51 29.28 -23.89
N GLY D 124 15.81 29.62 -22.64
CA GLY D 124 15.74 31.01 -22.25
C GLY D 124 14.29 31.22 -21.90
N TYR D 125 13.40 30.69 -22.73
CA TYR D 125 11.98 30.77 -22.45
C TYR D 125 11.82 29.96 -21.18
N ASN D 126 12.85 29.16 -20.91
CA ASN D 126 12.96 28.38 -19.70
C ASN D 126 14.32 28.86 -19.22
N PRO D 127 14.35 30.10 -18.69
CA PRO D 127 15.53 30.78 -18.17
C PRO D 127 16.23 30.05 -17.03
N GLY D 128 17.52 30.32 -16.83
CA GLY D 128 18.27 29.72 -15.75
C GLY D 128 17.55 30.03 -14.45
N LEU D 129 16.56 30.89 -14.56
CA LEU D 129 15.70 31.29 -13.48
C LEU D 129 15.13 30.06 -12.73
N LEU D 130 14.90 28.95 -13.45
CA LEU D 130 14.35 27.70 -12.88
C LEU D 130 15.40 26.62 -12.54
N VAL D 131 16.51 26.56 -13.27
CA VAL D 131 17.52 25.57 -12.94
C VAL D 131 18.39 26.31 -11.96
N HIS D 132 19.64 26.57 -12.33
CA HIS D 132 20.53 27.33 -11.46
C HIS D 132 20.40 28.75 -11.95
N SER D 133 19.84 29.64 -11.13
CA SER D 133 19.74 31.03 -11.60
C SER D 133 21.14 31.66 -11.76
N ASP D 134 22.15 30.85 -11.46
CA ASP D 134 23.52 31.20 -11.64
C ASP D 134 23.64 31.26 -13.16
N LEU D 135 22.71 30.55 -13.82
CA LEU D 135 22.57 30.43 -15.28
C LEU D 135 21.92 31.64 -15.94
N ALA D 136 21.48 32.58 -15.11
CA ALA D 136 20.83 33.81 -15.55
C ALA D 136 21.35 34.27 -16.91
N TYR D 137 20.43 34.33 -17.87
CA TYR D 137 20.69 34.74 -19.25
C TYR D 137 19.65 34.13 -20.22
N LEU D 138 20.06 33.96 -21.48
CA LEU D 138 19.21 33.39 -22.51
C LEU D 138 17.98 34.28 -22.86
N GLN D 139 17.16 33.82 -23.81
CA GLN D 139 15.96 34.57 -24.21
C GLN D 139 14.93 33.70 -24.91
N ALA D 140 15.24 33.21 -26.10
CA ALA D 140 14.33 32.36 -26.88
C ALA D 140 14.94 31.93 -28.20
N GLU D 141 15.64 32.87 -28.86
CA GLU D 141 16.31 32.67 -30.15
C GLU D 141 16.32 31.24 -30.73
N GLY D 142 16.93 30.31 -30.00
CA GLY D 142 16.97 28.92 -30.44
C GLY D 142 18.08 28.07 -29.82
N GLY D 143 18.60 27.15 -30.63
CA GLY D 143 19.66 26.26 -30.17
C GLY D 143 19.22 24.84 -29.86
N GLY D 144 18.73 24.15 -30.88
CA GLY D 144 18.30 22.76 -30.69
C GLY D 144 19.55 21.89 -30.60
N ASP D 145 19.67 21.13 -29.49
CA ASP D 145 20.83 20.24 -29.24
C ASP D 145 22.15 21.03 -29.08
N ARG D 146 22.03 22.35 -29.21
CA ARG D 146 23.17 23.27 -29.10
C ARG D 146 23.90 22.86 -27.85
N GLN D 147 25.20 22.77 -27.94
CA GLN D 147 25.94 22.37 -26.76
C GLN D 147 25.77 23.47 -25.72
N LEU D 148 25.96 23.10 -24.48
CA LEU D 148 25.89 24.06 -23.40
C LEU D 148 27.34 24.09 -22.96
N THR D 149 27.71 25.14 -22.23
CA THR D 149 29.09 25.27 -21.76
C THR D 149 29.42 24.07 -20.91
N ASP D 150 30.63 23.56 -21.01
CA ASP D 150 30.96 22.40 -20.20
C ASP D 150 30.72 22.80 -18.73
N ARG D 151 31.38 23.86 -18.29
CA ARG D 151 31.19 24.30 -16.90
C ARG D 151 29.71 24.58 -16.62
N GLU D 152 28.99 24.94 -17.68
CA GLU D 152 27.55 25.24 -17.64
C GLU D 152 26.78 24.00 -17.16
N LYS D 153 26.83 22.96 -18.00
CA LYS D 153 26.19 21.67 -17.73
C LYS D 153 26.29 21.27 -16.25
N GLU D 154 27.41 21.67 -15.63
CA GLU D 154 27.62 21.36 -14.23
C GLU D 154 26.68 22.13 -13.34
N ILE D 155 26.72 23.44 -13.43
CA ILE D 155 25.85 24.25 -12.60
C ILE D 155 24.40 23.84 -12.81
N ILE D 156 24.14 23.25 -13.97
CA ILE D 156 22.83 22.75 -14.31
C ILE D 156 22.68 21.43 -13.56
N ARG D 157 23.60 20.52 -13.83
CA ARG D 157 23.62 19.20 -13.23
C ARG D 157 23.62 19.20 -11.70
N GLN D 158 24.52 19.96 -11.08
CA GLN D 158 24.55 19.98 -9.63
C GLN D 158 23.25 20.55 -9.09
N ALA D 159 22.62 21.44 -9.87
CA ALA D 159 21.34 22.02 -9.49
C ALA D 159 20.34 20.85 -9.59
N ALA D 160 20.58 20.00 -10.59
CA ALA D 160 19.78 18.81 -10.85
C ALA D 160 20.06 17.77 -9.78
N VAL D 161 20.55 18.22 -8.63
CA VAL D 161 20.86 17.33 -7.55
C VAL D 161 20.42 17.92 -6.22
N GLN D 162 20.92 19.11 -5.87
CA GLN D 162 20.54 19.71 -4.58
C GLN D 162 19.06 20.08 -4.53
N GLN D 163 18.38 19.90 -5.65
CA GLN D 163 16.95 20.20 -5.75
C GLN D 163 16.13 18.94 -5.65
N THR D 164 16.71 17.84 -6.08
CA THR D 164 16.07 16.54 -6.08
C THR D 164 15.83 16.11 -4.67
N LYS D 165 16.76 16.45 -3.79
CA LYS D 165 16.58 16.07 -2.40
C LYS D 165 15.34 16.82 -1.90
N GLU D 166 15.16 18.06 -2.34
CA GLU D 166 14.02 18.86 -1.92
C GLU D 166 12.70 18.62 -2.64
N MET D 167 12.75 18.02 -3.83
CA MET D 167 11.51 17.75 -4.62
C MET D 167 10.51 16.83 -3.96
N ASP D 168 9.28 17.32 -3.79
CA ASP D 168 8.20 16.53 -3.19
C ASP D 168 7.48 15.96 -4.39
N LEU D 169 7.39 14.65 -4.50
CA LEU D 169 6.72 14.05 -5.66
C LEU D 169 5.22 13.82 -5.44
N SER D 170 4.64 14.42 -4.39
CA SER D 170 3.22 14.20 -4.11
C SER D 170 2.36 15.40 -4.42
N VAL D 171 2.99 16.44 -4.94
CA VAL D 171 2.33 17.69 -5.27
C VAL D 171 3.00 18.44 -6.40
N VAL D 172 2.19 18.98 -7.29
CA VAL D 172 2.68 19.75 -8.43
C VAL D 172 1.90 21.02 -8.65
N ARG D 173 2.27 21.71 -9.73
CA ARG D 173 1.63 22.93 -10.10
C ARG D 173 1.82 23.21 -11.57
N LEU D 174 0.72 23.51 -12.26
CA LEU D 174 0.75 23.83 -13.67
C LEU D 174 1.45 25.19 -13.85
N MET D 175 2.25 25.35 -14.91
CA MET D 175 2.90 26.64 -15.17
C MET D 175 2.68 27.15 -16.61
N PHE D 176 1.47 27.62 -16.87
CA PHE D 176 1.11 28.14 -18.19
C PHE D 176 1.95 29.35 -18.61
N THR D 177 2.51 29.31 -19.83
CA THR D 177 3.30 30.40 -20.40
C THR D 177 2.73 30.69 -21.77
N ALA D 178 2.66 31.97 -22.13
CA ALA D 178 2.15 32.32 -23.45
C ALA D 178 3.26 32.92 -24.29
N PHE D 179 3.28 32.57 -25.57
CA PHE D 179 4.27 33.07 -26.48
C PHE D 179 3.48 33.69 -27.60
N LEU D 180 3.98 34.77 -28.20
CA LEU D 180 3.24 35.43 -29.27
C LEU D 180 4.11 35.84 -30.45
N PRO D 181 3.47 36.17 -31.61
CA PRO D 181 4.16 36.59 -32.84
C PRO D 181 5.19 37.68 -32.62
N ASP D 182 6.39 37.44 -33.14
CA ASP D 182 7.47 38.40 -32.97
C ASP D 182 8.53 38.41 -34.07
N SER D 183 8.84 39.63 -34.50
CA SER D 183 9.83 39.90 -35.54
C SER D 183 9.50 39.16 -36.85
N THR D 184 8.20 39.10 -37.12
CA THR D 184 7.65 38.43 -38.31
C THR D 184 7.86 36.89 -38.28
N GLY D 185 6.86 36.22 -37.72
CA GLY D 185 6.88 34.78 -37.61
C GLY D 185 6.94 34.31 -36.16
N SER D 186 8.03 33.61 -35.86
CA SER D 186 8.31 33.06 -34.52
C SER D 186 7.45 33.63 -33.38
N PHE D 187 6.85 32.73 -32.59
CA PHE D 187 6.08 33.15 -31.43
C PHE D 187 7.24 33.31 -30.47
N THR D 188 8.06 34.30 -30.79
CA THR D 188 9.28 34.62 -30.08
C THR D 188 9.20 35.04 -28.62
N ARG D 189 8.33 35.99 -28.28
CA ARG D 189 8.33 36.44 -26.88
C ARG D 189 7.49 35.87 -25.76
N ARG D 190 8.24 35.56 -24.71
CA ARG D 190 7.74 34.99 -23.48
C ARG D 190 6.88 36.05 -22.86
N LEU D 191 5.57 35.84 -22.90
CA LEU D 191 4.64 36.74 -22.30
C LEU D 191 4.41 36.12 -20.95
N GLU D 192 4.74 36.89 -19.92
CA GLU D 192 4.64 36.49 -18.53
C GLU D 192 3.89 35.23 -18.24
N PRO D 193 4.58 34.28 -17.57
CA PRO D 193 4.12 32.96 -17.14
C PRO D 193 3.23 33.00 -15.89
N VAL D 194 2.19 32.19 -15.88
CA VAL D 194 1.28 32.11 -14.75
C VAL D 194 1.38 30.70 -14.19
N VAL D 195 1.40 30.53 -12.86
CA VAL D 195 1.45 29.19 -12.25
C VAL D 195 0.18 28.87 -11.41
N SER D 196 -0.41 27.69 -11.57
CA SER D 196 -1.67 27.30 -10.89
C SER D 196 -1.61 26.90 -9.43
N ASP D 197 -2.80 26.61 -8.85
CA ASP D 197 -2.90 26.17 -7.45
C ASP D 197 -2.11 24.88 -7.40
N ALA D 198 -1.87 24.38 -6.20
CA ALA D 198 -1.13 23.13 -6.05
C ALA D 198 -2.08 22.02 -6.41
N ILE D 199 -1.56 20.99 -7.06
CA ILE D 199 -2.35 19.82 -7.40
C ILE D 199 -1.71 18.74 -6.53
N TYR D 200 -2.53 18.13 -5.67
CA TYR D 200 -2.08 17.13 -4.72
C TYR D 200 -2.33 15.70 -5.13
N ASP D 201 -1.28 14.98 -5.51
CA ASP D 201 -1.40 13.57 -5.92
C ASP D 201 -2.41 12.88 -5.00
N SER D 202 -3.35 12.16 -5.58
CA SER D 202 -4.38 11.50 -4.81
C SER D 202 -3.94 10.26 -4.04
N LYS D 203 -2.81 9.71 -4.44
CA LYS D 203 -2.34 8.49 -3.82
C LYS D 203 -1.46 8.67 -2.60
N ALA D 204 -0.87 9.85 -2.43
CA ALA D 204 -0.04 10.09 -1.27
C ALA D 204 -0.91 9.85 -0.06
N PRO D 205 -0.48 8.99 0.85
CA PRO D 205 -1.25 8.69 2.04
C PRO D 205 -1.61 9.97 2.77
N ASN D 206 -0.72 10.96 2.65
CA ASN D 206 -0.93 12.25 3.29
C ASN D 206 -2.03 13.06 2.60
N ALA D 207 -2.36 12.71 1.36
CA ALA D 207 -3.37 13.43 0.57
C ALA D 207 -4.75 12.78 0.44
N SER D 208 -4.94 11.65 1.10
CA SER D 208 -6.19 10.88 1.07
C SER D 208 -7.42 11.72 1.41
N ASN D 209 -8.57 11.42 0.81
CA ASN D 209 -9.81 12.17 1.08
C ASN D 209 -10.51 11.54 2.24
N LEU D 210 -10.20 12.01 3.44
CA LEU D 210 -10.80 11.49 4.65
C LEU D 210 -12.29 11.26 4.41
N LYS D 211 -12.73 10.03 4.60
CA LYS D 211 -14.13 9.69 4.37
C LYS D 211 -14.55 8.82 5.51
N ILE D 212 -15.81 9.00 5.91
CA ILE D 212 -16.37 8.22 6.99
C ILE D 212 -17.23 7.18 6.29
N VAL D 213 -16.73 5.95 6.23
CA VAL D 213 -17.43 4.88 5.57
C VAL D 213 -18.56 4.26 6.40
N ARG D 214 -18.30 3.99 7.66
CA ARG D 214 -19.31 3.43 8.56
C ARG D 214 -19.07 3.80 10.01
N MET D 215 -20.07 3.54 10.85
CA MET D 215 -19.97 3.85 12.28
C MET D 215 -20.84 2.95 13.14
N ASP D 216 -20.30 2.55 14.29
CA ASP D 216 -20.98 1.70 15.27
C ASP D 216 -22.31 2.32 15.75
N ARG D 217 -22.26 3.30 16.64
CA ARG D 217 -23.47 3.96 17.11
C ARG D 217 -23.50 5.34 16.53
N THR D 218 -24.67 5.76 16.08
CA THR D 218 -24.84 7.10 15.51
C THR D 218 -25.12 8.03 16.67
N ALA D 219 -25.82 7.52 17.67
CA ALA D 219 -26.20 8.28 18.85
C ALA D 219 -25.41 7.83 20.05
N GLY D 220 -25.52 8.59 21.13
CA GLY D 220 -24.82 8.22 22.35
C GLY D 220 -25.22 9.16 23.47
N CYS D 221 -24.99 8.73 24.70
CA CYS D 221 -25.31 9.55 25.87
C CYS D 221 -24.29 10.66 25.90
N VAL D 222 -24.64 11.72 26.61
CA VAL D 222 -23.78 12.87 26.77
C VAL D 222 -22.64 12.63 27.77
N THR D 223 -22.88 11.70 28.69
CA THR D 223 -21.93 11.33 29.73
C THR D 223 -20.53 10.86 29.26
N GLY D 224 -20.33 10.87 27.94
CA GLY D 224 -19.05 10.52 27.32
C GLY D 224 -18.45 9.12 27.43
N GLY D 225 -17.13 9.04 27.17
CA GLY D 225 -16.38 7.79 27.23
C GLY D 225 -17.08 6.53 26.74
N GLU D 226 -17.68 6.58 25.55
CA GLU D 226 -18.38 5.46 24.97
C GLU D 226 -17.63 4.93 23.76
N GLU D 227 -17.40 3.62 23.69
CA GLU D 227 -16.67 3.04 22.56
C GLU D 227 -17.43 2.99 21.24
N ILE D 228 -16.77 3.39 20.15
CA ILE D 228 -17.38 3.37 18.83
C ILE D 228 -16.43 2.78 17.78
N TYR D 229 -16.99 2.14 16.76
CA TYR D 229 -16.17 1.57 15.69
C TYR D 229 -16.45 2.34 14.41
N LEU D 230 -15.54 3.23 14.05
CA LEU D 230 -15.66 4.08 12.86
C LEU D 230 -14.76 3.66 11.70
N LEU D 231 -15.31 2.90 10.74
CA LEU D 231 -14.56 2.42 9.57
C LEU D 231 -14.35 3.51 8.51
N CYS D 232 -13.16 4.09 8.48
CA CYS D 232 -12.84 5.16 7.53
C CYS D 232 -12.16 4.76 6.20
N ASP D 233 -11.20 5.57 5.76
CA ASP D 233 -10.44 5.38 4.53
C ASP D 233 -9.03 5.93 4.72
N LYS D 234 -8.04 5.09 4.45
CA LYS D 234 -6.63 5.43 4.55
C LYS D 234 -6.23 6.63 5.38
N VAL D 235 -6.31 6.50 6.70
CA VAL D 235 -5.89 7.56 7.61
C VAL D 235 -4.45 7.23 8.07
N GLN D 236 -3.80 8.19 8.72
CA GLN D 236 -2.44 8.00 9.19
C GLN D 236 -2.29 8.08 10.71
N LYS D 237 -2.59 6.96 11.38
CA LYS D 237 -2.51 6.76 12.82
C LYS D 237 -2.09 7.89 13.75
N ASP D 238 -1.00 8.57 13.43
CA ASP D 238 -0.54 9.70 14.25
C ASP D 238 -1.23 11.01 13.90
N ASP D 239 -1.29 11.27 12.61
CA ASP D 239 -1.89 12.47 12.05
C ASP D 239 -3.40 12.42 11.80
N ILE D 240 -4.17 11.91 12.74
CA ILE D 240 -5.61 11.87 12.52
C ILE D 240 -6.34 12.18 13.83
N GLN D 241 -7.57 12.67 13.72
CA GLN D 241 -8.37 12.98 14.89
C GLN D 241 -9.83 13.07 14.59
N ILE D 242 -10.60 12.37 15.38
CA ILE D 242 -12.04 12.33 15.22
C ILE D 242 -12.47 13.54 15.98
N ARG D 243 -13.38 14.32 15.40
CA ARG D 243 -13.86 15.55 16.00
C ARG D 243 -15.36 15.83 15.89
N PHE D 244 -16.03 15.88 17.04
CA PHE D 244 -17.46 16.17 17.15
C PHE D 244 -17.62 17.69 17.21
N TYR D 245 -18.67 18.25 16.57
CA TYR D 245 -18.88 19.71 16.57
C TYR D 245 -20.29 20.22 16.23
N GLU D 246 -20.67 21.37 16.79
CA GLU D 246 -21.98 22.02 16.55
C GLU D 246 -21.99 23.54 16.75
N GLU D 247 -22.54 24.28 15.79
CA GLU D 247 -22.60 25.73 15.85
C GLU D 247 -23.76 26.27 16.72
N GLU D 248 -23.42 27.09 17.72
CA GLU D 248 -24.41 27.66 18.65
C GLU D 248 -24.92 29.07 18.29
N GLU D 249 -25.96 29.10 17.46
CA GLU D 249 -26.60 30.33 16.95
C GLU D 249 -25.77 30.96 15.84
N ASN D 250 -25.66 32.29 15.86
CA ASN D 250 -24.86 32.99 14.86
C ASN D 250 -23.42 32.74 15.23
N GLY D 251 -22.65 32.18 14.29
CA GLY D 251 -21.25 31.88 14.55
C GLY D 251 -21.07 30.95 15.75
N GLY D 252 -19.88 30.99 16.36
CA GLY D 252 -19.61 30.15 17.52
C GLY D 252 -19.90 28.69 17.26
N VAL D 253 -18.85 27.88 17.32
CA VAL D 253 -19.03 26.46 17.10
C VAL D 253 -18.62 25.74 18.37
N TRP D 254 -19.04 24.49 18.51
CA TRP D 254 -18.69 23.67 19.66
C TRP D 254 -17.96 22.41 19.19
N GLU D 255 -16.87 22.04 19.88
CA GLU D 255 -16.14 20.87 19.44
C GLU D 255 -15.76 19.86 20.51
N GLY D 256 -15.79 18.59 20.12
CA GLY D 256 -15.44 17.50 20.99
C GLY D 256 -14.49 16.64 20.20
N PHE D 257 -13.55 15.98 20.88
CA PHE D 257 -12.57 15.15 20.19
C PHE D 257 -12.45 13.72 20.67
N GLY D 258 -12.98 12.79 19.88
CA GLY D 258 -12.90 11.38 20.20
C GLY D 258 -11.56 11.04 20.81
N ASP D 259 -11.61 10.18 21.82
CA ASP D 259 -10.42 9.73 22.54
C ASP D 259 -9.89 8.43 21.89
N PHE D 260 -8.58 8.21 21.95
CA PHE D 260 -7.93 7.00 21.40
C PHE D 260 -6.39 7.10 21.26
N SER D 261 -5.80 6.24 20.44
CA SER D 261 -4.35 6.27 20.30
C SER D 261 -4.00 5.65 18.97
N PRO D 262 -2.76 5.89 18.47
CA PRO D 262 -2.38 5.30 17.18
C PRO D 262 -2.75 3.84 17.30
N THR D 263 -2.58 3.36 18.52
CA THR D 263 -2.89 2.01 18.88
C THR D 263 -4.31 1.74 18.43
N ASP D 264 -5.22 2.61 18.81
CA ASP D 264 -6.60 2.44 18.42
C ASP D 264 -6.89 2.59 16.93
N VAL D 265 -5.92 3.05 16.13
CA VAL D 265 -6.14 3.20 14.69
C VAL D 265 -5.69 1.88 14.08
N HIS D 266 -6.66 1.01 13.86
CA HIS D 266 -6.45 -0.33 13.31
C HIS D 266 -6.28 -0.44 11.80
N ARG D 267 -5.06 -0.79 11.39
CA ARG D 267 -4.69 -0.95 9.99
C ARG D 267 -5.09 0.19 9.07
N GLN D 268 -4.77 1.41 9.48
CA GLN D 268 -5.07 2.60 8.69
C GLN D 268 -6.50 2.88 8.24
N PHE D 269 -7.42 1.93 8.38
CA PHE D 269 -8.81 2.20 7.96
C PHE D 269 -9.84 2.05 9.11
N ALA D 270 -9.36 1.94 10.35
CA ALA D 270 -10.26 1.79 11.49
C ALA D 270 -9.77 2.54 12.69
N ILE D 271 -10.66 3.18 13.40
CA ILE D 271 -10.27 3.88 14.60
C ILE D 271 -11.32 3.47 15.56
N VAL D 272 -10.91 3.02 16.74
CA VAL D 272 -11.84 2.65 17.78
C VAL D 272 -11.66 3.76 18.80
N PHE D 273 -12.71 4.54 19.03
CA PHE D 273 -12.67 5.66 19.97
C PHE D 273 -13.87 5.72 20.91
N LYS D 274 -13.68 6.46 22.00
CA LYS D 274 -14.74 6.66 22.99
C LYS D 274 -15.31 8.07 22.81
N THR D 275 -16.62 8.23 22.97
CA THR D 275 -17.25 9.53 22.77
C THR D 275 -16.77 10.52 23.79
N PRO D 276 -17.12 11.80 23.62
CA PRO D 276 -16.72 12.84 24.54
C PRO D 276 -17.94 13.40 25.21
N LYS D 277 -17.73 14.24 26.22
CA LYS D 277 -18.81 14.88 26.94
C LYS D 277 -19.36 15.92 25.96
N TYR D 278 -20.68 16.04 25.84
CA TYR D 278 -21.28 17.01 24.92
C TYR D 278 -21.17 18.38 25.54
N LYS D 279 -21.79 19.38 24.92
CA LYS D 279 -21.80 20.75 25.43
C LYS D 279 -22.04 20.72 26.95
N ASP D 280 -23.21 20.29 27.38
CA ASP D 280 -23.48 20.22 28.81
C ASP D 280 -24.24 18.94 29.13
N VAL D 281 -23.75 18.19 30.12
CA VAL D 281 -24.35 16.93 30.51
C VAL D 281 -25.80 17.04 30.99
N ASN D 282 -26.24 18.27 31.17
CA ASN D 282 -27.57 18.53 31.68
C ASN D 282 -28.46 18.94 30.53
N ILE D 283 -29.09 17.97 29.88
CA ILE D 283 -29.97 18.29 28.77
C ILE D 283 -31.19 17.39 28.77
N THR D 284 -32.37 17.97 28.98
CA THR D 284 -33.61 17.18 29.00
C THR D 284 -34.05 16.67 27.61
N LYS D 285 -33.47 17.23 26.55
CA LYS D 285 -33.82 16.85 25.18
C LYS D 285 -32.60 16.52 24.30
N PRO D 286 -32.68 15.42 23.53
CA PRO D 286 -31.61 14.95 22.63
C PRO D 286 -30.94 16.03 21.80
N ALA D 287 -29.61 16.04 21.85
CA ALA D 287 -28.80 17.02 21.12
C ALA D 287 -28.07 16.42 19.90
N SER D 288 -28.00 17.19 18.80
CA SER D 288 -27.35 16.74 17.57
C SER D 288 -26.20 17.58 17.06
N VAL D 289 -25.04 16.94 17.06
CA VAL D 289 -23.80 17.52 16.60
C VAL D 289 -23.44 16.78 15.32
N PHE D 290 -22.19 16.90 14.92
CA PHE D 290 -21.67 16.23 13.75
C PHE D 290 -20.30 15.68 14.13
N VAL D 291 -19.88 14.59 13.49
CA VAL D 291 -18.56 13.99 13.75
C VAL D 291 -17.91 14.05 12.39
N GLN D 292 -16.61 14.32 12.35
CA GLN D 292 -15.84 14.43 11.08
C GLN D 292 -14.41 13.95 11.26
N LEU D 293 -13.94 13.07 10.40
CA LEU D 293 -12.56 12.66 10.51
C LEU D 293 -11.80 13.98 10.31
N ARG D 294 -10.54 14.04 10.76
CA ARG D 294 -9.72 15.26 10.63
C ARG D 294 -8.23 14.99 10.62
N ARG D 295 -7.55 15.53 9.61
CA ARG D 295 -6.11 15.35 9.50
C ARG D 295 -5.50 16.46 10.29
N LYS D 296 -4.77 16.11 11.32
CA LYS D 296 -4.16 17.09 12.19
C LYS D 296 -3.26 18.11 11.50
N SER D 297 -2.43 17.65 10.57
CA SER D 297 -1.47 18.51 9.89
C SER D 297 -1.99 19.65 9.06
N ASP D 298 -2.88 19.36 8.13
CA ASP D 298 -3.39 20.40 7.30
C ASP D 298 -4.80 20.84 7.66
N LEU D 299 -5.39 20.13 8.61
CA LEU D 299 -6.74 20.41 9.08
C LEU D 299 -7.77 20.09 8.07
N GLU D 300 -7.36 19.39 7.01
CA GLU D 300 -8.31 19.00 6.00
C GLU D 300 -9.23 18.04 6.74
N THR D 301 -10.54 18.27 6.62
CA THR D 301 -11.54 17.46 7.32
C THR D 301 -12.27 16.53 6.41
N SER D 302 -13.58 16.52 6.50
CA SER D 302 -14.34 15.60 5.68
C SER D 302 -15.86 15.79 5.74
N GLU D 303 -16.56 15.31 4.71
CA GLU D 303 -18.02 15.38 4.72
C GLU D 303 -18.29 14.71 6.06
N PRO D 304 -19.02 15.39 6.96
CA PRO D 304 -19.33 14.87 8.28
C PRO D 304 -20.54 13.95 8.36
N LYS D 305 -20.57 13.22 9.46
CA LYS D 305 -21.62 12.27 9.77
C LYS D 305 -22.30 12.88 10.99
N PRO D 306 -23.65 12.79 11.09
CA PRO D 306 -24.40 13.35 12.23
C PRO D 306 -24.40 12.39 13.44
N PHE D 307 -24.50 12.96 14.63
CA PHE D 307 -24.53 12.21 15.89
C PHE D 307 -25.75 12.69 16.67
N LEU D 308 -26.09 12.03 17.77
CA LEU D 308 -27.27 12.45 18.54
C LEU D 308 -27.09 12.35 20.04
N TYR D 309 -26.47 13.37 20.63
CA TYR D 309 -26.23 13.42 22.06
C TYR D 309 -27.47 13.36 22.96
N TYR D 310 -28.05 12.18 23.13
CA TYR D 310 -29.21 12.06 24.00
C TYR D 310 -28.91 12.35 25.47
N PRO D 311 -29.93 12.74 26.23
CA PRO D 311 -29.77 13.05 27.66
C PRO D 311 -29.13 11.97 28.55
N GLU D 312 -29.04 12.30 29.84
CA GLU D 312 -28.46 11.42 30.86
C GLU D 312 -29.56 10.62 31.63
#